data_2X4H
#
_entry.id   2X4H
#
_cell.length_a   72.100
_cell.length_b   72.100
_cell.length_c   260.070
_cell.angle_alpha   90.00
_cell.angle_beta   90.00
_cell.angle_gamma   90.00
#
_symmetry.space_group_name_H-M   'P 43 21 2'
#
loop_
_entity.id
_entity.type
_entity.pdbx_description
1 polymer 'HYPOTHETICAL PROTEIN SSO2273'
2 non-polymer 'ZINC ION'
3 water water
#
_entity_poly.entity_id   1
_entity_poly.type   'polypeptide(L)'
_entity_poly.pdbx_seq_one_letter_code
;GMRVDSQMSNLSRREFSYLLTIKRYNDSGEGAKINRIAKDLKIAPSSVFEEVSHLEEKGLVKKKEDGVWITNNGTRSINY
LIKAHRVIEILLVNIGIDKQTACEYSKQFDYLIPEEIIDKLYNYLGKPSYCPHGLEIPL
;
_entity_poly.pdbx_strand_id   A,B,C,D
#
# COMPACT_ATOMS: atom_id res chain seq x y z
N LEU A 11 19.56 4.78 -17.54
CA LEU A 11 19.85 6.06 -16.83
C LEU A 11 18.67 6.53 -15.98
N SER A 12 18.83 6.53 -14.65
CA SER A 12 17.82 7.13 -13.77
C SER A 12 17.93 8.67 -13.74
N ARG A 13 16.83 9.33 -13.33
CA ARG A 13 16.83 10.79 -13.17
C ARG A 13 17.87 11.23 -12.17
N ARG A 14 18.13 10.41 -11.16
CA ARG A 14 19.15 10.73 -10.18
C ARG A 14 20.54 10.68 -10.81
N GLU A 15 20.79 9.64 -11.58
CA GLU A 15 22.02 9.57 -12.34
C GLU A 15 22.10 10.77 -13.29
N PHE A 16 20.96 11.20 -13.83
CA PHE A 16 20.91 12.40 -14.69
C PHE A 16 21.48 13.66 -13.98
N SER A 17 21.03 13.87 -12.74
CA SER A 17 21.55 14.96 -11.86
C SER A 17 23.06 14.91 -11.66
N TYR A 18 23.60 13.71 -11.44
CA TYR A 18 25.03 13.52 -11.29
C TYR A 18 25.77 13.90 -12.56
N LEU A 19 25.32 13.36 -13.67
CA LEU A 19 26.00 13.65 -14.93
C LEU A 19 25.92 15.15 -15.28
N LEU A 20 24.79 15.81 -15.00
CA LEU A 20 24.68 17.27 -15.26
C LEU A 20 25.62 18.05 -14.35
N THR A 21 25.74 17.58 -13.11
CA THR A 21 26.61 18.22 -12.16
C THR A 21 28.06 18.06 -12.61
N ILE A 22 28.44 16.81 -12.89
CA ILE A 22 29.79 16.50 -13.33
C ILE A 22 30.09 17.33 -14.57
N LYS A 23 29.13 17.38 -15.50
CA LYS A 23 29.33 18.15 -16.74
C LYS A 23 29.57 19.67 -16.50
N ARG A 24 28.86 20.25 -15.55
CA ARG A 24 29.09 21.67 -15.23
C ARG A 24 30.58 21.96 -14.91
N TYR A 25 31.21 21.06 -14.14
CA TYR A 25 32.65 21.19 -13.80
C TYR A 25 33.56 20.98 -15.00
N ASN A 26 33.26 19.93 -15.78
CA ASN A 26 34.01 19.64 -16.98
C ASN A 26 33.94 20.81 -17.96
N ASP A 27 32.74 21.41 -18.10
CA ASP A 27 32.52 22.62 -18.93
C ASP A 27 33.25 23.84 -18.38
N SER A 28 33.63 23.80 -17.12
CA SER A 28 34.45 24.83 -16.52
C SER A 28 35.97 24.52 -16.53
N GLY A 29 36.39 23.40 -17.14
CA GLY A 29 37.82 23.01 -17.21
C GLY A 29 38.33 22.10 -16.09
N GLU A 30 37.45 21.52 -15.29
CA GLU A 30 37.85 20.78 -14.09
C GLU A 30 37.16 19.42 -14.07
N GLY A 31 37.87 18.41 -13.60
CA GLY A 31 37.24 17.17 -13.18
C GLY A 31 36.35 17.42 -11.97
N ALA A 32 35.27 16.67 -11.85
CA ALA A 32 34.34 16.83 -10.73
C ALA A 32 34.85 16.10 -9.48
N LYS A 33 34.93 16.80 -8.36
CA LYS A 33 35.38 16.19 -7.10
C LYS A 33 34.17 15.64 -6.34
N ILE A 34 34.37 14.46 -5.77
CA ILE A 34 33.33 13.77 -5.03
C ILE A 34 32.66 14.72 -4.05
N ASN A 35 33.49 15.37 -3.22
CA ASN A 35 32.97 16.26 -2.17
C ASN A 35 32.14 17.45 -2.67
N ARG A 36 32.40 17.91 -3.91
CA ARG A 36 31.64 19.03 -4.51
C ARG A 36 30.32 18.58 -5.11
N ILE A 37 30.34 17.43 -5.77
CA ILE A 37 29.10 16.82 -6.26
C ILE A 37 28.19 16.62 -5.04
N ALA A 38 28.79 16.10 -3.95
CA ALA A 38 28.08 15.85 -2.72
C ALA A 38 27.38 17.12 -2.20
N LYS A 39 28.19 18.17 -2.02
CA LYS A 39 27.68 19.48 -1.58
C LYS A 39 26.62 20.08 -2.54
N ASP A 40 26.90 20.09 -3.83
CA ASP A 40 26.00 20.66 -4.82
C ASP A 40 24.68 19.92 -4.93
N LEU A 41 24.68 18.62 -4.66
CA LEU A 41 23.46 17.82 -4.75
C LEU A 41 22.78 17.62 -3.40
N LYS A 42 23.50 17.87 -2.30
CA LYS A 42 22.97 17.69 -0.94
C LYS A 42 22.79 16.20 -0.63
N ILE A 43 23.91 15.47 -0.72
CA ILE A 43 23.96 14.02 -0.63
C ILE A 43 25.28 13.67 0.05
N ALA A 44 25.31 12.56 0.78
CA ALA A 44 26.54 12.13 1.48
C ALA A 44 27.65 11.90 0.47
N PRO A 45 28.89 12.23 0.85
CA PRO A 45 30.07 11.86 0.05
C PRO A 45 30.19 10.38 -0.28
N SER A 46 29.86 9.50 0.68
CA SER A 46 29.93 8.04 0.46
C SER A 46 28.90 7.55 -0.56
N SER A 47 27.70 8.14 -0.55
CA SER A 47 26.69 7.84 -1.59
C SER A 47 27.16 8.33 -2.97
N VAL A 48 27.82 9.49 -3.00
CA VAL A 48 28.34 10.05 -4.23
C VAL A 48 29.45 9.13 -4.76
N PHE A 49 30.40 8.76 -3.91
CA PHE A 49 31.44 7.80 -4.31
C PHE A 49 30.83 6.52 -4.88
N GLU A 50 29.89 5.91 -4.15
CA GLU A 50 29.31 4.64 -4.62
C GLU A 50 28.71 4.81 -6.03
N GLU A 51 27.89 5.83 -6.21
CA GLU A 51 27.25 6.13 -7.49
C GLU A 51 28.24 6.48 -8.64
N VAL A 52 29.33 7.17 -8.33
CA VAL A 52 30.35 7.45 -9.34
C VAL A 52 30.97 6.17 -9.87
N SER A 53 31.31 5.23 -8.99
CA SER A 53 31.79 3.90 -9.44
C SER A 53 30.77 3.18 -10.32
N HIS A 54 29.50 3.40 -10.05
CA HIS A 54 28.44 2.75 -10.84
C HIS A 54 28.43 3.35 -12.27
N LEU A 55 28.56 4.68 -12.34
CA LEU A 55 28.59 5.39 -13.60
C LEU A 55 29.87 5.03 -14.39
N GLU A 56 30.98 4.85 -13.67
CA GLU A 56 32.23 4.39 -14.30
C GLU A 56 32.06 2.99 -14.89
N GLU A 57 31.41 2.09 -14.17
CA GLU A 57 31.15 0.72 -14.65
C GLU A 57 30.29 0.73 -15.92
N LYS A 58 29.38 1.69 -16.04
CA LYS A 58 28.54 1.79 -17.25
C LYS A 58 29.23 2.58 -18.37
N GLY A 59 30.48 3.01 -18.15
CA GLY A 59 31.25 3.72 -19.19
C GLY A 59 30.78 5.13 -19.49
N LEU A 60 30.07 5.73 -18.53
CA LEU A 60 29.51 7.08 -18.68
C LEU A 60 30.40 8.18 -18.09
N VAL A 61 31.26 7.82 -17.15
CA VAL A 61 32.29 8.70 -16.66
C VAL A 61 33.61 7.95 -16.58
N LYS A 62 34.67 8.70 -16.30
CA LYS A 62 36.00 8.14 -16.12
C LYS A 62 36.76 9.02 -15.12
N LYS A 63 37.46 8.38 -14.20
CA LYS A 63 38.22 9.07 -13.16
C LYS A 63 39.60 9.44 -13.70
N LYS A 64 40.03 10.67 -13.42
CA LYS A 64 41.40 11.12 -13.76
C LYS A 64 42.01 11.78 -12.53
N GLU A 65 43.26 12.21 -12.62
CA GLU A 65 43.97 12.74 -11.44
C GLU A 65 43.23 13.89 -10.73
N ASP A 66 42.53 14.74 -11.49
CA ASP A 66 41.82 15.89 -10.93
C ASP A 66 40.31 15.66 -10.69
N GLY A 67 39.83 14.42 -10.86
CA GLY A 67 38.44 14.08 -10.55
C GLY A 67 37.69 13.42 -11.70
N VAL A 68 36.36 13.50 -11.66
CA VAL A 68 35.50 12.75 -12.58
C VAL A 68 35.18 13.53 -13.86
N TRP A 69 35.28 12.84 -15.00
CA TRP A 69 35.01 13.41 -16.32
C TRP A 69 33.98 12.57 -17.07
N ILE A 70 33.02 13.25 -17.68
CA ILE A 70 31.95 12.57 -18.40
C ILE A 70 32.56 12.02 -19.70
N THR A 71 32.14 10.83 -20.13
CA THR A 71 32.62 10.31 -21.42
C THR A 71 31.68 10.72 -22.54
N ASN A 72 32.06 10.45 -23.79
CA ASN A 72 31.18 10.64 -24.93
C ASN A 72 29.83 9.91 -24.75
N ASN A 73 29.87 8.67 -24.24
CA ASN A 73 28.65 7.91 -23.94
C ASN A 73 27.84 8.57 -22.83
N GLY A 74 28.52 9.16 -21.85
CA GLY A 74 27.85 9.96 -20.82
C GLY A 74 27.14 11.16 -21.41
N THR A 75 27.79 11.87 -22.31
CA THR A 75 27.20 13.02 -22.95
C THR A 75 25.99 12.61 -23.81
N ARG A 76 26.14 11.52 -24.56
CA ARG A 76 25.00 10.93 -25.30
C ARG A 76 23.83 10.64 -24.37
N SER A 77 24.06 10.03 -23.20
CA SER A 77 22.92 9.71 -22.30
C SER A 77 22.25 10.97 -21.78
N ILE A 78 23.04 12.00 -21.53
CA ILE A 78 22.47 13.28 -21.11
C ILE A 78 21.53 13.78 -22.20
N ASN A 79 22.06 13.90 -23.41
CA ASN A 79 21.32 14.45 -24.54
C ASN A 79 20.08 13.63 -24.85
N TYR A 80 20.19 12.31 -24.69
CA TYR A 80 19.03 11.47 -24.93
C TYR A 80 17.91 11.77 -23.94
N LEU A 81 18.27 11.99 -22.67
CA LEU A 81 17.22 12.23 -21.67
C LEU A 81 16.63 13.62 -21.78
N ILE A 82 17.45 14.60 -22.15
CA ILE A 82 16.94 15.95 -22.46
C ILE A 82 15.90 15.87 -23.60
N LYS A 83 16.22 15.08 -24.62
CA LYS A 83 15.34 14.91 -25.77
C LYS A 83 14.03 14.24 -25.36
N ALA A 84 14.11 13.24 -24.48
CA ALA A 84 12.92 12.55 -23.99
C ALA A 84 12.04 13.50 -23.19
N HIS A 85 12.65 14.30 -22.32
CA HIS A 85 11.90 15.23 -21.46
C HIS A 85 11.11 16.24 -22.27
N ARG A 86 11.80 16.84 -23.23
CA ARG A 86 11.26 17.95 -24.03
C ARG A 86 10.28 17.49 -25.10
N VAL A 87 10.52 16.29 -25.64
CA VAL A 87 9.61 15.71 -26.62
C VAL A 87 8.27 15.40 -25.97
N ILE A 88 8.28 14.78 -24.79
CA ILE A 88 7.04 14.51 -24.08
C ILE A 88 6.32 15.81 -23.78
N GLU A 89 7.08 16.79 -23.31
CA GLU A 89 6.53 18.10 -23.00
C GLU A 89 5.74 18.65 -24.16
N ILE A 90 6.34 18.69 -25.36
CA ILE A 90 5.62 19.17 -26.55
C ILE A 90 4.33 18.37 -26.70
N LEU A 91 4.39 17.04 -26.63
CA LEU A 91 3.17 16.20 -26.70
C LEU A 91 2.12 16.62 -25.67
N LEU A 92 2.54 16.80 -24.42
CA LEU A 92 1.57 17.16 -23.39
C LEU A 92 0.96 18.54 -23.67
N VAL A 93 1.77 19.49 -24.11
CA VAL A 93 1.23 20.80 -24.41
C VAL A 93 0.24 20.71 -25.60
N ASN A 94 0.54 19.92 -26.63
CA ASN A 94 -0.37 19.76 -27.76
C ASN A 94 -1.73 19.26 -27.33
N ILE A 95 -1.77 18.27 -26.44
CA ILE A 95 -3.04 17.69 -26.00
C ILE A 95 -3.79 18.56 -24.99
N GLY A 96 -3.14 19.66 -24.54
CA GLY A 96 -3.80 20.71 -23.77
C GLY A 96 -3.46 20.74 -22.29
N ILE A 97 -2.24 20.39 -21.93
CA ILE A 97 -1.79 20.56 -20.53
C ILE A 97 -1.01 21.86 -20.46
N ASP A 98 -1.20 22.65 -19.39
CA ASP A 98 -0.42 23.89 -19.16
C ASP A 98 1.10 23.60 -19.19
N LYS A 99 1.89 24.56 -19.69
CA LYS A 99 3.33 24.39 -19.96
C LYS A 99 4.21 24.00 -18.74
N GLN A 100 3.84 24.47 -17.56
CA GLN A 100 4.62 24.16 -16.35
C GLN A 100 4.27 22.77 -15.81
N THR A 101 2.99 22.42 -15.89
CA THR A 101 2.49 21.12 -15.43
C THR A 101 2.98 20.04 -16.39
N ALA A 102 3.14 20.40 -17.65
CA ALA A 102 3.74 19.51 -18.61
C ALA A 102 5.15 19.09 -18.17
N CYS A 103 5.96 20.06 -17.78
CA CYS A 103 7.33 19.76 -17.31
C CYS A 103 7.33 18.79 -16.15
N GLU A 104 6.53 19.07 -15.13
CA GLU A 104 6.48 18.21 -13.94
C GLU A 104 6.02 16.79 -14.27
N TYR A 105 4.94 16.66 -15.04
CA TYR A 105 4.48 15.35 -15.50
C TYR A 105 5.56 14.59 -16.29
N SER A 106 6.22 15.30 -17.19
CA SER A 106 7.22 14.71 -18.06
C SER A 106 8.37 14.13 -17.23
N LYS A 107 8.82 14.87 -16.21
CA LYS A 107 9.83 14.40 -15.26
C LYS A 107 9.48 13.09 -14.58
N GLN A 108 8.19 12.84 -14.34
CA GLN A 108 7.77 11.61 -13.66
C GLN A 108 7.99 10.33 -14.46
N PHE A 109 8.01 10.39 -15.78
CA PHE A 109 8.14 9.14 -16.57
C PHE A 109 8.94 9.23 -17.87
N ASP A 110 9.56 10.38 -18.16
CA ASP A 110 10.27 10.57 -19.43
C ASP A 110 11.44 9.60 -19.56
N TYR A 111 12.16 9.41 -18.46
CA TYR A 111 13.28 8.48 -18.40
C TYR A 111 12.86 7.01 -18.50
N LEU A 112 11.57 6.70 -18.25
CA LEU A 112 11.04 5.33 -18.38
C LEU A 112 10.51 4.95 -19.78
N ILE A 113 10.41 5.90 -20.71
CA ILE A 113 9.76 5.62 -21.99
C ILE A 113 10.76 4.99 -22.96
N PRO A 114 10.42 3.84 -23.55
CA PRO A 114 11.32 3.18 -24.52
C PRO A 114 11.81 4.13 -25.61
N GLU A 115 13.05 3.94 -26.01
CA GLU A 115 13.73 4.85 -26.91
C GLU A 115 13.02 4.96 -28.26
N GLU A 116 12.60 3.81 -28.80
CA GLU A 116 11.83 3.82 -30.05
C GLU A 116 10.70 4.84 -30.01
N ILE A 117 10.00 4.91 -28.88
CA ILE A 117 8.86 5.78 -28.75
C ILE A 117 9.31 7.22 -28.78
N ILE A 118 10.39 7.55 -28.08
CA ILE A 118 10.89 8.93 -28.09
C ILE A 118 11.29 9.34 -29.52
N ASP A 119 12.02 8.47 -30.22
CA ASP A 119 12.42 8.75 -31.60
C ASP A 119 11.21 8.94 -32.52
N LYS A 120 10.25 8.03 -32.45
CA LYS A 120 9.09 8.14 -33.34
C LYS A 120 8.26 9.35 -32.93
N LEU A 121 8.17 9.69 -31.64
CA LEU A 121 7.46 10.89 -31.21
C LEU A 121 8.13 12.16 -31.73
N TYR A 122 9.46 12.19 -31.68
CA TYR A 122 10.24 13.28 -32.25
C TYR A 122 9.89 13.52 -33.70
N ASN A 123 9.99 12.47 -34.53
CA ASN A 123 9.59 12.60 -35.95
C ASN A 123 8.10 12.99 -36.04
N TYR A 124 7.24 12.29 -35.32
CA TYR A 124 5.79 12.58 -35.35
C TYR A 124 5.50 14.04 -35.04
N LEU A 125 6.30 14.65 -34.17
CA LEU A 125 6.05 16.05 -33.78
C LEU A 125 6.68 17.11 -34.70
N GLY A 126 7.35 16.70 -35.78
CA GLY A 126 7.96 17.64 -36.73
C GLY A 126 9.48 17.81 -36.62
N LYS A 127 10.14 16.93 -35.85
CA LYS A 127 11.55 17.06 -35.53
C LYS A 127 11.79 18.43 -34.92
N PRO A 128 11.05 18.74 -33.85
CA PRO A 128 11.00 20.10 -33.30
C PRO A 128 12.31 20.52 -32.66
N SER A 129 12.77 21.73 -32.99
CA SER A 129 14.07 22.22 -32.54
C SER A 129 14.10 22.70 -31.08
N TYR A 130 12.93 22.98 -30.50
CA TYR A 130 12.85 23.61 -29.17
C TYR A 130 11.66 23.05 -28.39
N CYS A 131 11.76 23.08 -27.06
CA CYS A 131 10.64 22.67 -26.20
C CYS A 131 9.76 23.90 -25.96
N PRO A 132 8.64 23.73 -25.24
CA PRO A 132 7.75 24.89 -25.04
C PRO A 132 8.35 26.01 -24.19
N HIS A 133 9.44 25.71 -23.48
CA HIS A 133 10.16 26.71 -22.69
C HIS A 133 11.32 27.36 -23.46
N GLY A 134 11.38 27.11 -24.77
CA GLY A 134 12.42 27.72 -25.62
C GLY A 134 13.76 27.02 -25.61
N LEU A 135 13.89 25.93 -24.86
CA LEU A 135 15.16 25.20 -24.71
C LEU A 135 15.35 24.20 -25.86
N GLU A 136 16.57 24.06 -26.36
CA GLU A 136 16.83 23.21 -27.54
C GLU A 136 16.58 21.71 -27.29
N ILE A 137 16.20 21.02 -28.36
CA ILE A 137 16.04 19.57 -28.32
C ILE A 137 17.14 18.91 -29.12
N PRO A 138 17.97 18.09 -28.48
CA PRO A 138 19.04 17.43 -29.26
C PRO A 138 18.50 16.51 -30.35
N LEU A 139 19.33 16.18 -31.35
CA LEU A 139 18.88 15.51 -32.59
C LEU A 139 18.26 14.15 -32.35
N ASN B 10 -2.99 5.71 -9.39
CA ASN B 10 -2.09 4.91 -8.49
C ASN B 10 -2.58 3.47 -8.38
N LEU B 11 -2.36 2.70 -9.45
CA LEU B 11 -2.70 1.29 -9.52
C LEU B 11 -1.61 0.59 -10.32
N SER B 12 -0.94 -0.36 -9.71
CA SER B 12 0.14 -1.08 -10.39
C SER B 12 -0.48 -2.17 -11.26
N ARG B 13 0.32 -2.72 -12.16
CA ARG B 13 -0.20 -3.80 -12.98
C ARG B 13 -0.38 -5.08 -12.20
N ARG B 14 0.42 -5.25 -11.16
CA ARG B 14 0.17 -6.38 -10.26
C ARG B 14 -1.17 -6.20 -9.53
N GLU B 15 -1.47 -5.00 -9.06
CA GLU B 15 -2.78 -4.74 -8.48
C GLU B 15 -3.93 -5.02 -9.48
N PHE B 16 -3.72 -4.60 -10.73
CA PHE B 16 -4.66 -4.86 -11.83
C PHE B 16 -5.03 -6.34 -11.91
N SER B 17 -4.01 -7.20 -11.94
CA SER B 17 -4.19 -8.66 -11.93
C SER B 17 -5.04 -9.14 -10.76
N TYR B 18 -4.72 -8.67 -9.54
CA TYR B 18 -5.56 -8.97 -8.39
C TYR B 18 -7.01 -8.57 -8.68
N LEU B 19 -7.20 -7.32 -9.10
CA LEU B 19 -8.56 -6.80 -9.27
C LEU B 19 -9.33 -7.59 -10.28
N LEU B 20 -8.67 -7.99 -11.37
CA LEU B 20 -9.36 -8.76 -12.40
C LEU B 20 -9.74 -10.15 -11.88
N THR B 21 -8.89 -10.72 -11.04
CA THR B 21 -9.14 -12.04 -10.50
C THR B 21 -10.33 -12.02 -9.53
N ILE B 22 -10.27 -11.05 -8.61
CA ILE B 22 -11.35 -10.82 -7.67
C ILE B 22 -12.66 -10.61 -8.44
N LYS B 23 -12.63 -9.75 -9.46
CA LYS B 23 -13.83 -9.44 -10.25
C LYS B 23 -14.42 -10.66 -10.95
N ARG B 24 -13.58 -11.58 -11.39
CA ARG B 24 -14.07 -12.81 -12.00
C ARG B 24 -14.95 -13.55 -11.00
N TYR B 25 -14.49 -13.69 -9.77
CA TYR B 25 -15.30 -14.41 -8.76
C TYR B 25 -16.57 -13.65 -8.37
N ASN B 26 -16.43 -12.35 -8.12
CA ASN B 26 -17.58 -11.51 -7.76
C ASN B 26 -18.67 -11.52 -8.83
N ASP B 27 -18.28 -11.52 -10.11
CA ASP B 27 -19.26 -11.48 -11.21
C ASP B 27 -20.12 -12.76 -11.31
N SER B 28 -19.72 -13.82 -10.59
CA SER B 28 -20.52 -15.04 -10.48
C SER B 28 -21.19 -15.16 -9.10
N GLY B 29 -21.15 -14.09 -8.31
CA GLY B 29 -21.82 -13.98 -7.02
C GLY B 29 -21.09 -14.64 -5.87
N GLU B 30 -19.76 -14.49 -5.84
CA GLU B 30 -18.91 -15.21 -4.90
C GLU B 30 -17.75 -14.33 -4.45
N GLY B 31 -17.59 -14.17 -3.13
CA GLY B 31 -16.42 -13.51 -2.61
C GLY B 31 -15.21 -14.25 -3.14
N ALA B 32 -14.14 -13.51 -3.41
CA ALA B 32 -12.90 -14.12 -3.87
C ALA B 32 -12.10 -14.61 -2.64
N LYS B 33 -11.88 -15.92 -2.52
CA LYS B 33 -11.14 -16.48 -1.38
C LYS B 33 -9.65 -16.22 -1.57
N ILE B 34 -8.97 -15.89 -0.47
CA ILE B 34 -7.55 -15.64 -0.48
C ILE B 34 -6.79 -16.80 -1.15
N ASN B 35 -7.13 -18.03 -0.77
CA ASN B 35 -6.48 -19.24 -1.28
C ASN B 35 -6.62 -19.43 -2.79
N ARG B 36 -7.81 -19.13 -3.33
CA ARG B 36 -8.10 -19.29 -4.75
C ARG B 36 -7.37 -18.22 -5.57
N ILE B 37 -7.41 -16.99 -5.08
CA ILE B 37 -6.63 -15.90 -5.65
C ILE B 37 -5.15 -16.33 -5.75
N ALA B 38 -4.61 -16.92 -4.68
CA ALA B 38 -3.21 -17.31 -4.63
C ALA B 38 -2.90 -18.37 -5.70
N LYS B 39 -3.81 -19.34 -5.84
CA LYS B 39 -3.70 -20.39 -6.86
C LYS B 39 -3.83 -19.86 -8.30
N ASP B 40 -4.75 -18.93 -8.52
CA ASP B 40 -4.95 -18.37 -9.87
C ASP B 40 -3.77 -17.55 -10.34
N LEU B 41 -3.15 -16.79 -9.44
CA LEU B 41 -2.00 -15.94 -9.79
C LEU B 41 -0.68 -16.65 -9.52
N LYS B 42 -0.77 -17.86 -8.97
CA LYS B 42 0.39 -18.70 -8.67
C LYS B 42 1.36 -18.05 -7.69
N ILE B 43 0.80 -17.41 -6.66
CA ILE B 43 1.58 -16.75 -5.61
C ILE B 43 1.15 -17.29 -4.24
N ALA B 44 1.83 -16.85 -3.18
CA ALA B 44 1.61 -17.39 -1.82
C ALA B 44 0.39 -16.76 -1.16
N PRO B 45 -0.43 -17.58 -0.49
CA PRO B 45 -1.57 -17.07 0.28
C PRO B 45 -1.24 -15.93 1.27
N SER B 46 -0.03 -15.93 1.86
CA SER B 46 0.34 -14.85 2.77
C SER B 46 0.52 -13.54 2.00
N SER B 47 1.16 -13.58 0.86
CA SER B 47 1.26 -12.40 0.01
C SER B 47 -0.13 -11.86 -0.40
N VAL B 48 -1.06 -12.74 -0.74
CA VAL B 48 -2.39 -12.28 -1.12
C VAL B 48 -3.07 -11.59 0.04
N PHE B 49 -3.07 -12.23 1.21
CA PHE B 49 -3.66 -11.63 2.39
C PHE B 49 -3.12 -10.22 2.60
N GLU B 50 -1.78 -10.07 2.57
CA GLU B 50 -1.13 -8.77 2.73
C GLU B 50 -1.53 -7.76 1.64
N GLU B 51 -1.40 -8.11 0.36
CA GLU B 51 -1.75 -7.15 -0.71
C GLU B 51 -3.22 -6.73 -0.62
N VAL B 52 -4.09 -7.69 -0.33
CA VAL B 52 -5.51 -7.42 -0.19
C VAL B 52 -5.78 -6.31 0.85
N SER B 53 -5.06 -6.30 1.97
CA SER B 53 -5.29 -5.22 2.94
C SER B 53 -4.81 -3.87 2.42
N HIS B 54 -3.77 -3.85 1.59
CA HIS B 54 -3.39 -2.59 0.92
C HIS B 54 -4.43 -2.16 -0.10
N LEU B 55 -5.03 -3.12 -0.80
CA LEU B 55 -6.09 -2.77 -1.75
C LEU B 55 -7.32 -2.22 -1.00
N GLU B 56 -7.59 -2.74 0.19
CA GLU B 56 -8.68 -2.23 1.06
C GLU B 56 -8.39 -0.78 1.51
N GLU B 57 -7.20 -0.54 2.06
CA GLU B 57 -6.78 0.85 2.43
C GLU B 57 -7.02 1.85 1.27
N LYS B 58 -6.79 1.40 0.05
CA LYS B 58 -6.94 2.26 -1.15
C LYS B 58 -8.39 2.37 -1.62
N GLY B 59 -9.31 1.77 -0.89
CA GLY B 59 -10.73 1.80 -1.26
C GLY B 59 -11.13 1.01 -2.50
N LEU B 60 -10.31 0.04 -2.90
CA LEU B 60 -10.51 -0.70 -4.15
C LEU B 60 -11.21 -2.06 -3.96
N VAL B 61 -11.11 -2.61 -2.75
CA VAL B 61 -11.79 -3.85 -2.42
C VAL B 61 -12.24 -3.79 -0.97
N LYS B 62 -13.14 -4.70 -0.58
CA LYS B 62 -13.50 -4.93 0.83
C LYS B 62 -13.35 -6.40 1.17
N LYS B 63 -12.61 -6.69 2.24
CA LYS B 63 -12.46 -8.05 2.72
C LYS B 63 -13.61 -8.33 3.68
N LYS B 64 -14.32 -9.44 3.46
CA LYS B 64 -15.48 -9.80 4.28
C LYS B 64 -15.34 -11.25 4.69
N GLU B 65 -16.33 -11.75 5.42
CA GLU B 65 -16.39 -13.16 5.84
C GLU B 65 -16.32 -14.12 4.65
N ASP B 66 -17.12 -13.83 3.61
CA ASP B 66 -17.20 -14.67 2.40
C ASP B 66 -16.05 -14.48 1.39
N GLY B 67 -15.04 -13.69 1.75
CA GLY B 67 -13.92 -13.41 0.83
C GLY B 67 -13.89 -11.97 0.38
N VAL B 68 -13.16 -11.69 -0.71
CA VAL B 68 -12.87 -10.31 -1.15
C VAL B 68 -13.84 -9.85 -2.25
N TRP B 69 -14.35 -8.63 -2.10
CA TRP B 69 -15.24 -8.03 -3.11
C TRP B 69 -14.66 -6.71 -3.59
N ILE B 70 -14.68 -6.54 -4.91
CA ILE B 70 -14.25 -5.31 -5.56
C ILE B 70 -15.31 -4.21 -5.33
N THR B 71 -14.85 -3.00 -5.05
CA THR B 71 -15.73 -1.84 -4.87
C THR B 71 -15.94 -1.14 -6.19
N ASN B 72 -16.80 -0.13 -6.18
CA ASN B 72 -17.01 0.72 -7.34
C ASN B 72 -15.70 1.38 -7.81
N ASN B 73 -14.91 1.90 -6.88
CA ASN B 73 -13.63 2.50 -7.22
C ASN B 73 -12.67 1.49 -7.82
N GLY B 74 -12.76 0.24 -7.37
CA GLY B 74 -11.93 -0.82 -7.92
C GLY B 74 -12.29 -1.06 -9.37
N THR B 75 -13.58 -1.20 -9.65
CA THR B 75 -14.04 -1.40 -11.02
C THR B 75 -13.58 -0.22 -11.89
N ARG B 76 -13.86 1.01 -11.46
CA ARG B 76 -13.35 2.21 -12.16
C ARG B 76 -11.87 2.10 -12.48
N SER B 77 -11.07 1.68 -11.50
CA SER B 77 -9.62 1.60 -11.66
C SER B 77 -9.20 0.58 -12.71
N ILE B 78 -9.92 -0.54 -12.78
CA ILE B 78 -9.71 -1.52 -13.84
C ILE B 78 -9.96 -0.81 -15.18
N ASN B 79 -11.09 -0.12 -15.28
CA ASN B 79 -11.47 0.54 -16.54
C ASN B 79 -10.52 1.63 -16.94
N TYR B 80 -10.02 2.40 -15.99
CA TYR B 80 -9.05 3.45 -16.27
C TYR B 80 -7.77 2.89 -16.84
N LEU B 81 -7.27 1.79 -16.29
CA LEU B 81 -6.03 1.20 -16.80
C LEU B 81 -6.23 0.62 -18.21
N ILE B 82 -7.41 0.07 -18.47
CA ILE B 82 -7.69 -0.51 -19.75
C ILE B 82 -7.71 0.61 -20.81
N LYS B 83 -8.38 1.71 -20.48
CA LYS B 83 -8.40 2.89 -21.34
C LYS B 83 -7.00 3.42 -21.58
N ALA B 84 -6.20 3.53 -20.51
CA ALA B 84 -4.83 4.04 -20.64
C ALA B 84 -4.06 3.16 -21.60
N HIS B 85 -4.17 1.84 -21.42
CA HIS B 85 -3.46 0.87 -22.23
C HIS B 85 -3.83 1.03 -23.71
N ARG B 86 -5.12 1.09 -23.96
CA ARG B 86 -5.66 1.14 -25.31
C ARG B 86 -5.49 2.48 -26.01
N VAL B 87 -5.66 3.58 -25.30
CA VAL B 87 -5.38 4.88 -25.87
C VAL B 87 -3.87 5.01 -26.25
N ILE B 88 -2.98 4.57 -25.37
CA ILE B 88 -1.56 4.65 -25.68
C ILE B 88 -1.22 3.80 -26.91
N GLU B 89 -1.85 2.64 -27.04
CA GLU B 89 -1.62 1.75 -28.17
C GLU B 89 -1.90 2.48 -29.46
N ILE B 90 -2.98 3.26 -29.46
CA ILE B 90 -3.39 3.97 -30.64
C ILE B 90 -2.33 5.00 -31.02
N LEU B 91 -1.85 5.78 -30.05
CA LEU B 91 -0.81 6.75 -30.34
C LEU B 91 0.40 6.03 -30.91
N LEU B 92 0.77 4.91 -30.28
CA LEU B 92 1.97 4.19 -30.71
C LEU B 92 1.83 3.71 -32.15
N VAL B 93 0.66 3.15 -32.49
CA VAL B 93 0.46 2.67 -33.86
C VAL B 93 0.49 3.84 -34.83
N ASN B 94 -0.14 4.96 -34.44
CA ASN B 94 -0.13 6.16 -35.27
C ASN B 94 1.24 6.79 -35.47
N ILE B 95 2.18 6.53 -34.58
CA ILE B 95 3.54 7.04 -34.82
C ILE B 95 4.48 6.01 -35.48
N GLY B 96 3.95 4.84 -35.83
CA GLY B 96 4.64 3.86 -36.70
C GLY B 96 5.18 2.61 -36.03
N ILE B 97 4.63 2.25 -34.89
CA ILE B 97 5.03 1.05 -34.17
C ILE B 97 4.02 -0.06 -34.45
N ASP B 98 4.54 -1.20 -34.85
CA ASP B 98 3.77 -2.43 -35.00
C ASP B 98 2.82 -2.61 -33.81
N LYS B 99 1.61 -3.13 -34.04
CA LYS B 99 0.60 -3.20 -32.95
C LYS B 99 0.92 -4.21 -31.84
N GLN B 100 1.61 -5.29 -32.17
CA GLN B 100 2.07 -6.22 -31.15
C GLN B 100 3.15 -5.56 -30.26
N THR B 101 4.12 -4.86 -30.86
CA THR B 101 5.14 -4.13 -30.09
C THR B 101 4.54 -2.96 -29.31
N ALA B 102 3.53 -2.33 -29.90
CA ALA B 102 2.81 -1.26 -29.25
C ALA B 102 2.16 -1.77 -27.97
N CYS B 103 1.52 -2.94 -28.03
CA CYS B 103 0.88 -3.55 -26.88
C CYS B 103 1.92 -3.78 -25.79
N GLU B 104 3.04 -4.41 -26.15
CA GLU B 104 4.07 -4.76 -25.17
C GLU B 104 4.66 -3.50 -24.52
N TYR B 105 4.97 -2.50 -25.34
CA TYR B 105 5.49 -1.22 -24.84
C TYR B 105 4.47 -0.51 -23.95
N SER B 106 3.20 -0.49 -24.36
CA SER B 106 2.19 0.18 -23.57
C SER B 106 2.15 -0.40 -22.13
N LYS B 107 2.22 -1.72 -22.00
CA LYS B 107 2.18 -2.35 -20.66
C LYS B 107 3.31 -1.90 -19.74
N GLN B 108 4.39 -1.34 -20.28
CA GLN B 108 5.52 -0.96 -19.46
C GLN B 108 5.33 0.37 -18.76
N PHE B 109 4.47 1.24 -19.27
CA PHE B 109 4.29 2.53 -18.61
C PHE B 109 2.85 3.01 -18.52
N ASP B 110 1.88 2.32 -19.10
CA ASP B 110 0.50 2.83 -19.12
C ASP B 110 -0.04 3.12 -17.74
N TYR B 111 0.23 2.24 -16.79
CA TYR B 111 -0.24 2.41 -15.42
C TYR B 111 0.45 3.54 -14.68
N LEU B 112 1.50 4.12 -15.24
CA LEU B 112 2.21 5.24 -14.60
C LEU B 112 1.67 6.60 -15.04
N ILE B 113 0.96 6.67 -16.16
CA ILE B 113 0.49 7.95 -16.70
C ILE B 113 -0.75 8.45 -15.94
N PRO B 114 -0.69 9.71 -15.51
CA PRO B 114 -1.82 10.37 -14.88
C PRO B 114 -3.12 10.31 -15.67
N GLU B 115 -4.21 10.35 -14.93
CA GLU B 115 -5.57 10.40 -15.44
C GLU B 115 -5.69 11.60 -16.39
N GLU B 116 -5.15 12.75 -15.99
CA GLU B 116 -5.24 13.97 -16.80
C GLU B 116 -4.65 13.74 -18.19
N ILE B 117 -3.43 13.19 -18.26
CA ILE B 117 -2.81 12.93 -19.56
C ILE B 117 -3.66 11.97 -20.42
N ILE B 118 -4.15 10.88 -19.80
CA ILE B 118 -4.91 9.88 -20.55
C ILE B 118 -6.22 10.43 -21.12
N ASP B 119 -6.93 11.27 -20.36
CA ASP B 119 -8.19 11.85 -20.84
C ASP B 119 -7.94 12.82 -21.98
N LYS B 120 -6.94 13.69 -21.81
CA LYS B 120 -6.60 14.64 -22.83
C LYS B 120 -6.07 13.99 -24.11
N LEU B 121 -5.32 12.89 -23.96
CA LEU B 121 -4.80 12.17 -25.10
C LEU B 121 -5.95 11.48 -25.85
N TYR B 122 -6.87 10.87 -25.11
CA TYR B 122 -8.08 10.27 -25.70
C TYR B 122 -8.81 11.24 -26.64
N ASN B 123 -9.08 12.44 -26.13
CA ASN B 123 -9.72 13.50 -26.93
C ASN B 123 -8.87 13.89 -28.11
N TYR B 124 -7.56 13.98 -27.90
CA TYR B 124 -6.58 14.38 -28.94
C TYR B 124 -6.59 13.40 -30.10
N LEU B 125 -6.83 12.12 -29.80
CA LEU B 125 -6.88 11.08 -30.82
C LEU B 125 -8.25 10.91 -31.46
N GLY B 126 -9.21 11.75 -31.06
CA GLY B 126 -10.53 11.74 -31.70
C GLY B 126 -11.48 10.76 -31.04
N LYS B 127 -11.35 10.60 -29.73
CA LYS B 127 -12.23 9.72 -28.95
C LYS B 127 -12.43 8.34 -29.58
N PRO B 128 -11.35 7.63 -29.87
CA PRO B 128 -11.44 6.29 -30.45
C PRO B 128 -12.24 5.37 -29.59
N SER B 129 -12.92 4.45 -30.26
CA SER B 129 -13.80 3.49 -29.63
C SER B 129 -13.18 2.14 -29.48
N TYR B 130 -12.17 1.83 -30.29
CA TYR B 130 -11.51 0.52 -30.18
C TYR B 130 -10.05 0.65 -30.39
N CYS B 131 -9.27 -0.19 -29.71
CA CYS B 131 -7.82 -0.21 -29.89
C CYS B 131 -7.49 -1.01 -31.16
N PRO B 132 -6.22 -1.00 -31.61
CA PRO B 132 -5.89 -1.72 -32.86
C PRO B 132 -6.17 -3.22 -32.86
N HIS B 133 -6.34 -3.83 -31.68
CA HIS B 133 -6.73 -5.24 -31.58
C HIS B 133 -8.26 -5.39 -31.60
N GLY B 134 -8.99 -4.32 -31.91
CA GLY B 134 -10.45 -4.39 -31.97
C GLY B 134 -11.12 -4.52 -30.63
N LEU B 135 -10.49 -4.08 -29.55
CA LEU B 135 -11.06 -4.21 -28.23
C LEU B 135 -11.54 -2.84 -27.72
N GLU B 136 -12.65 -2.83 -26.99
CA GLU B 136 -13.41 -1.59 -26.71
C GLU B 136 -12.67 -0.70 -25.74
N ILE B 137 -12.62 0.60 -26.03
CA ILE B 137 -12.03 1.57 -25.13
C ILE B 137 -13.13 2.23 -24.29
N PRO B 138 -13.05 2.12 -22.93
CA PRO B 138 -14.04 2.79 -22.07
C PRO B 138 -14.17 4.31 -22.20
N LEU B 139 -15.32 4.84 -21.76
CA LEU B 139 -15.68 6.27 -21.93
C LEU B 139 -14.74 7.19 -21.17
N SER C 9 0.33 -0.36 15.72
CA SER C 9 0.70 0.91 15.04
C SER C 9 0.92 0.73 13.54
N ASN C 10 -0.17 0.46 12.80
CA ASN C 10 -0.16 0.45 11.33
C ASN C 10 1.08 -0.22 10.73
N LEU C 11 1.30 -1.46 11.15
CA LEU C 11 2.40 -2.28 10.66
C LEU C 11 1.91 -3.70 10.85
N SER C 12 1.79 -4.46 9.78
CA SER C 12 1.24 -5.78 9.93
C SER C 12 2.36 -6.73 10.32
N ARG C 13 1.93 -7.91 10.71
CA ARG C 13 2.82 -8.99 11.06
C ARG C 13 3.66 -9.45 9.86
N ARG C 14 3.05 -9.51 8.68
CA ARG C 14 3.79 -9.87 7.48
C ARG C 14 4.82 -8.83 7.11
N GLU C 15 4.45 -7.55 7.26
CA GLU C 15 5.38 -6.44 7.06
C GLU C 15 6.55 -6.52 8.00
N PHE C 16 6.25 -6.84 9.26
CA PHE C 16 7.27 -7.09 10.25
C PHE C 16 8.33 -8.08 9.76
N SER C 17 7.90 -9.23 9.23
CA SER C 17 8.82 -10.23 8.65
C SER C 17 9.69 -9.67 7.53
N TYR C 18 9.08 -8.89 6.65
CA TYR C 18 9.84 -8.23 5.57
C TYR C 18 10.93 -7.39 6.18
N LEU C 19 10.57 -6.55 7.14
CA LEU C 19 11.52 -5.59 7.71
C LEU C 19 12.64 -6.25 8.48
N LEU C 20 12.36 -7.38 9.12
CA LEU C 20 13.41 -8.11 9.83
C LEU C 20 14.34 -8.77 8.82
N THR C 21 13.81 -9.17 7.67
CA THR C 21 14.63 -9.77 6.63
C THR C 21 15.51 -8.72 5.94
N ILE C 22 14.94 -7.56 5.66
CA ILE C 22 15.69 -6.43 5.12
C ILE C 22 16.78 -5.97 6.10
N LYS C 23 16.45 -5.89 7.38
CA LYS C 23 17.42 -5.44 8.42
C LYS C 23 18.66 -6.34 8.53
N ARG C 24 18.48 -7.65 8.35
CA ARG C 24 19.59 -8.60 8.42
C ARG C 24 20.67 -8.25 7.38
N TYR C 25 20.27 -8.08 6.11
CA TYR C 25 21.18 -7.62 5.06
C TYR C 25 21.78 -6.27 5.43
N ASN C 26 20.93 -5.28 5.74
CA ASN C 26 21.37 -3.92 6.06
C ASN C 26 22.35 -3.89 7.26
N ASP C 27 22.06 -4.66 8.32
CA ASP C 27 22.98 -4.78 9.48
C ASP C 27 24.36 -5.23 9.04
N SER C 28 24.40 -6.03 7.98
CA SER C 28 25.62 -6.59 7.43
C SER C 28 26.34 -5.64 6.42
N GLY C 29 25.79 -4.46 6.18
CA GLY C 29 26.43 -3.47 5.28
C GLY C 29 26.03 -3.54 3.81
N GLU C 30 24.94 -4.23 3.48
CA GLU C 30 24.44 -4.27 2.09
C GLU C 30 22.93 -4.08 1.98
N GLY C 31 22.47 -3.65 0.80
CA GLY C 31 21.03 -3.47 0.55
C GLY C 31 20.36 -4.81 0.32
N ALA C 32 19.12 -4.93 0.79
CA ALA C 32 18.36 -6.17 0.60
C ALA C 32 17.79 -6.20 -0.81
N LYS C 33 18.29 -7.11 -1.65
CA LYS C 33 17.78 -7.24 -3.04
C LYS C 33 16.43 -7.96 -3.07
N ILE C 34 15.56 -7.56 -4.00
CA ILE C 34 14.21 -8.08 -4.11
C ILE C 34 14.19 -9.60 -4.09
N ASN C 35 15.09 -10.22 -4.84
CA ASN C 35 15.07 -11.68 -4.95
C ASN C 35 15.67 -12.46 -3.75
N ARG C 36 16.53 -11.80 -2.99
CA ARG C 36 17.05 -12.42 -1.75
C ARG C 36 15.97 -12.42 -0.67
N ILE C 37 15.27 -11.29 -0.55
CA ILE C 37 14.11 -11.18 0.34
C ILE C 37 13.08 -12.25 0.02
N ALA C 38 12.85 -12.44 -1.28
CA ALA C 38 11.85 -13.39 -1.78
C ALA C 38 12.21 -14.81 -1.39
N LYS C 39 13.47 -15.19 -1.62
CA LYS C 39 13.93 -16.53 -1.27
C LYS C 39 13.96 -16.77 0.24
N ASP C 40 14.40 -15.78 1.00
CA ASP C 40 14.42 -15.91 2.47
C ASP C 40 13.01 -16.16 3.04
N LEU C 41 12.01 -15.44 2.53
CA LEU C 41 10.62 -15.58 2.99
C LEU C 41 9.83 -16.67 2.25
N LYS C 42 10.45 -17.30 1.26
CA LYS C 42 9.80 -18.36 0.47
C LYS C 42 8.56 -17.85 -0.26
N ILE C 43 8.69 -16.70 -0.93
CA ILE C 43 7.59 -16.11 -1.70
C ILE C 43 8.06 -15.54 -3.05
N ALA C 44 7.14 -15.01 -3.85
CA ALA C 44 7.43 -14.59 -5.23
C ALA C 44 8.01 -13.18 -5.31
N PRO C 45 9.02 -12.99 -6.19
CA PRO C 45 9.65 -11.70 -6.36
C PRO C 45 8.69 -10.55 -6.65
N SER C 46 7.73 -10.81 -7.53
CA SER C 46 6.70 -9.84 -7.89
C SER C 46 5.93 -9.41 -6.64
N SER C 47 5.57 -10.36 -5.78
CA SER C 47 4.96 -10.05 -4.48
C SER C 47 5.88 -9.20 -3.61
N VAL C 48 7.17 -9.53 -3.57
CA VAL C 48 8.10 -8.71 -2.82
C VAL C 48 8.23 -7.32 -3.40
N PHE C 49 8.33 -7.20 -4.73
CA PHE C 49 8.39 -5.87 -5.37
C PHE C 49 7.16 -5.04 -5.04
N GLU C 50 5.98 -5.65 -5.14
CA GLU C 50 4.74 -4.96 -4.86
C GLU C 50 4.72 -4.53 -3.40
N GLU C 51 5.03 -5.44 -2.49
CA GLU C 51 4.95 -5.11 -1.06
C GLU C 51 6.00 -4.06 -0.72
N VAL C 52 7.21 -4.21 -1.24
CA VAL C 52 8.23 -3.19 -1.01
C VAL C 52 7.76 -1.78 -1.39
N SER C 53 6.98 -1.62 -2.46
CA SER C 53 6.56 -0.27 -2.86
C SER C 53 5.53 0.31 -1.89
N HIS C 54 4.69 -0.54 -1.34
CA HIS C 54 3.84 -0.14 -0.21
C HIS C 54 4.58 0.23 1.07
N LEU C 55 5.65 -0.50 1.37
CA LEU C 55 6.49 -0.18 2.54
C LEU C 55 7.25 1.13 2.32
N GLU C 56 7.65 1.41 1.08
CA GLU C 56 8.25 2.70 0.73
C GLU C 56 7.23 3.82 0.89
N GLU C 57 5.98 3.58 0.50
CA GLU C 57 4.89 4.56 0.70
C GLU C 57 4.64 4.92 2.16
N LYS C 58 4.80 3.93 3.04
CA LYS C 58 4.68 4.13 4.50
C LYS C 58 5.93 4.75 5.12
N GLY C 59 6.98 4.92 4.33
CA GLY C 59 8.22 5.54 4.79
C GLY C 59 9.06 4.64 5.69
N LEU C 60 8.83 3.34 5.61
CA LEU C 60 9.54 2.35 6.43
C LEU C 60 10.75 1.76 5.70
N VAL C 61 10.72 1.80 4.37
CA VAL C 61 11.89 1.44 3.56
C VAL C 61 12.20 2.47 2.46
N LYS C 62 13.43 2.40 1.98
CA LYS C 62 13.88 3.15 0.82
C LYS C 62 14.51 2.16 -0.13
N LYS C 63 14.04 2.16 -1.37
CA LYS C 63 14.55 1.28 -2.39
C LYS C 63 15.59 2.11 -3.12
N LYS C 64 16.83 1.62 -3.15
CA LYS C 64 17.95 2.28 -3.82
C LYS C 64 18.52 1.33 -4.89
N GLU C 65 19.62 1.71 -5.52
CA GLU C 65 20.21 0.87 -6.57
C GLU C 65 20.85 -0.39 -6.01
N ASP C 66 21.31 -0.27 -4.77
CA ASP C 66 21.96 -1.33 -4.01
C ASP C 66 20.96 -2.40 -3.56
N GLY C 67 19.68 -2.01 -3.50
CA GLY C 67 18.62 -2.82 -2.92
C GLY C 67 17.80 -2.01 -1.93
N VAL C 68 17.12 -2.71 -1.04
CA VAL C 68 16.21 -2.09 -0.10
C VAL C 68 16.90 -1.83 1.24
N TRP C 69 16.70 -0.65 1.80
CA TRP C 69 17.26 -0.27 3.07
C TRP C 69 16.15 0.18 4.01
N ILE C 70 16.24 -0.23 5.28
CA ILE C 70 15.25 0.16 6.28
C ILE C 70 15.47 1.62 6.73
N THR C 71 14.42 2.41 6.78
CA THR C 71 14.53 3.79 7.26
C THR C 71 14.54 3.83 8.79
N ASN C 72 14.87 4.98 9.36
CA ASN C 72 14.84 5.11 10.82
C ASN C 72 13.45 4.77 11.36
N ASN C 73 12.42 5.25 10.66
CA ASN C 73 11.04 4.92 10.97
C ASN C 73 10.77 3.42 10.89
N GLY C 74 11.48 2.73 10.01
CA GLY C 74 11.34 1.29 9.85
C GLY C 74 11.84 0.52 11.07
N THR C 75 13.08 0.83 11.47
CA THR C 75 13.71 0.34 12.70
C THR C 75 12.79 0.63 13.89
N ARG C 76 12.34 1.87 13.99
CA ARG C 76 11.40 2.29 15.03
C ARG C 76 10.13 1.41 15.12
N SER C 77 9.55 1.05 13.99
CA SER C 77 8.34 0.24 13.97
C SER C 77 8.59 -1.26 14.23
N ILE C 78 9.75 -1.79 13.84
CA ILE C 78 10.19 -3.12 14.29
C ILE C 78 10.21 -3.21 15.84
N ASN C 79 10.86 -2.23 16.47
CA ASN C 79 10.98 -2.20 17.93
C ASN C 79 9.61 -2.02 18.57
N TYR C 80 8.78 -1.18 17.95
CA TYR C 80 7.50 -0.90 18.54
C TYR C 80 6.60 -2.16 18.55
N LEU C 81 6.64 -2.95 17.49
CA LEU C 81 5.89 -4.23 17.51
C LEU C 81 6.48 -5.27 18.52
N ILE C 82 7.80 -5.26 18.67
CA ILE C 82 8.48 -6.17 19.59
C ILE C 82 8.10 -5.82 21.01
N LYS C 83 8.13 -4.53 21.31
CA LYS C 83 7.67 -3.98 22.58
C LYS C 83 6.20 -4.35 22.79
N ALA C 84 5.36 -4.20 21.78
CA ALA C 84 3.92 -4.50 21.93
C ALA C 84 3.68 -5.98 22.23
N HIS C 85 4.34 -6.86 21.49
CA HIS C 85 4.18 -8.30 21.66
C HIS C 85 4.56 -8.69 23.09
N ARG C 86 5.71 -8.22 23.54
CA ARG C 86 6.31 -8.67 24.79
C ARG C 86 5.68 -8.01 26.04
N VAL C 87 5.31 -6.74 25.94
CA VAL C 87 4.55 -6.11 27.01
C VAL C 87 3.19 -6.79 27.20
N ILE C 88 2.47 -7.07 26.11
CA ILE C 88 1.22 -7.82 26.21
C ILE C 88 1.45 -9.19 26.84
N GLU C 89 2.50 -9.91 26.43
CA GLU C 89 2.78 -11.21 27.03
C GLU C 89 2.86 -11.15 28.54
N ILE C 90 3.54 -10.13 29.06
CA ILE C 90 3.71 -9.96 30.49
C ILE C 90 2.37 -9.76 31.18
N LEU C 91 1.52 -8.89 30.60
CA LEU C 91 0.17 -8.69 31.14
C LEU C 91 -0.54 -10.03 31.19
N LEU C 92 -0.44 -10.82 30.13
CA LEU C 92 -1.22 -12.04 30.01
C LEU C 92 -0.76 -13.09 31.00
N VAL C 93 0.57 -13.20 31.20
CA VAL C 93 1.08 -14.12 32.20
C VAL C 93 0.68 -13.64 33.59
N ASN C 94 0.73 -12.32 33.82
CA ASN C 94 0.45 -11.79 35.19
C ASN C 94 -1.02 -11.96 35.57
N ILE C 95 -1.90 -12.07 34.56
CA ILE C 95 -3.31 -12.30 34.85
C ILE C 95 -3.68 -13.76 34.72
N GLY C 96 -2.70 -14.65 34.62
CA GLY C 96 -2.93 -16.09 34.73
C GLY C 96 -2.92 -16.95 33.47
N ILE C 97 -2.50 -16.41 32.33
CA ILE C 97 -2.43 -17.19 31.09
C ILE C 97 -1.02 -17.81 30.92
N ASP C 98 -0.94 -19.10 30.63
CA ASP C 98 0.33 -19.80 30.38
C ASP C 98 1.16 -19.15 29.25
N LYS C 99 2.48 -19.11 29.40
CA LYS C 99 3.32 -18.26 28.55
C LYS C 99 3.30 -18.63 27.06
N GLN C 100 3.16 -19.91 26.75
CA GLN C 100 3.11 -20.30 25.36
C GLN C 100 1.79 -19.83 24.73
N THR C 101 0.69 -20.05 25.45
CA THR C 101 -0.61 -19.56 25.01
C THR C 101 -0.63 -18.03 24.99
N ALA C 102 0.10 -17.40 25.90
CA ALA C 102 0.26 -15.95 25.92
C ALA C 102 0.95 -15.45 24.64
N CYS C 103 1.99 -16.14 24.21
CA CYS C 103 2.72 -15.76 23.02
C CYS C 103 1.79 -15.83 21.79
N GLU C 104 1.06 -16.93 21.67
CA GLU C 104 0.15 -17.18 20.54
C GLU C 104 -1.01 -16.17 20.52
N TYR C 105 -1.60 -15.94 21.68
CA TYR C 105 -2.69 -14.97 21.77
C TYR C 105 -2.22 -13.56 21.45
N SER C 106 -1.08 -13.16 22.02
CA SER C 106 -0.55 -11.83 21.77
C SER C 106 -0.40 -11.55 20.25
N LYS C 107 0.05 -12.55 19.50
CA LYS C 107 0.26 -12.35 18.06
C LYS C 107 -1.03 -12.03 17.32
N GLN C 108 -2.17 -12.45 17.85
CA GLN C 108 -3.45 -12.15 17.21
C GLN C 108 -3.90 -10.69 17.29
N PHE C 109 -3.30 -9.86 18.13
CA PHE C 109 -3.72 -8.45 18.21
C PHE C 109 -2.63 -7.43 18.58
N ASP C 110 -1.46 -7.89 19.03
CA ASP C 110 -0.37 -6.98 19.38
C ASP C 110 -0.14 -5.89 18.35
N TYR C 111 -0.12 -6.25 17.08
CA TYR C 111 0.16 -5.32 15.96
C TYR C 111 -0.94 -4.27 15.73
N LEU C 112 -2.11 -4.43 16.35
CA LEU C 112 -3.21 -3.46 16.22
C LEU C 112 -3.23 -2.42 17.35
N ILE C 113 -2.47 -2.64 18.42
CA ILE C 113 -2.56 -1.74 19.58
C ILE C 113 -1.79 -0.45 19.30
N PRO C 114 -2.44 0.72 19.47
CA PRO C 114 -1.76 2.03 19.38
C PRO C 114 -0.65 2.27 20.40
N GLU C 115 0.31 3.09 19.99
CA GLU C 115 1.54 3.40 20.70
C GLU C 115 1.30 3.84 22.12
N GLU C 116 0.31 4.71 22.28
CA GLU C 116 -0.01 5.25 23.59
C GLU C 116 -0.28 4.10 24.58
N ILE C 117 -1.05 3.09 24.15
CA ILE C 117 -1.44 1.99 25.02
C ILE C 117 -0.24 1.15 25.42
N ILE C 118 0.56 0.78 24.43
CA ILE C 118 1.77 -0.01 24.73
C ILE C 118 2.73 0.74 25.68
N ASP C 119 3.00 2.02 25.44
CA ASP C 119 3.86 2.79 26.33
C ASP C 119 3.24 2.93 27.70
N LYS C 120 1.93 3.10 27.79
CA LYS C 120 1.33 3.25 29.12
C LYS C 120 1.28 1.92 29.85
N LEU C 121 1.10 0.84 29.12
CA LEU C 121 1.01 -0.49 29.69
C LEU C 121 2.39 -0.90 30.18
N TYR C 122 3.41 -0.51 29.43
CA TYR C 122 4.80 -0.72 29.81
C TYR C 122 5.09 -0.07 31.14
N ASN C 123 4.72 1.21 31.28
CA ASN C 123 4.88 1.89 32.57
C ASN C 123 4.08 1.21 33.69
N TYR C 124 2.82 0.86 33.42
CA TYR C 124 1.95 0.23 34.41
C TYR C 124 2.51 -1.09 34.94
N LEU C 125 3.19 -1.85 34.08
CA LEU C 125 3.80 -3.13 34.46
C LEU C 125 5.20 -2.98 35.05
N GLY C 126 5.64 -1.75 35.23
CA GLY C 126 6.91 -1.47 35.87
C GLY C 126 8.10 -1.47 34.94
N LYS C 127 7.89 -1.07 33.68
CA LYS C 127 8.96 -1.00 32.66
C LYS C 127 9.79 -2.27 32.52
N PRO C 128 9.15 -3.41 32.30
CA PRO C 128 9.89 -4.67 32.26
C PRO C 128 10.96 -4.72 31.16
N SER C 129 12.09 -5.33 31.48
CA SER C 129 13.20 -5.46 30.51
C SER C 129 13.12 -6.67 29.56
N TYR C 130 12.46 -7.73 29.99
CA TYR C 130 12.44 -8.98 29.24
C TYR C 130 11.07 -9.61 29.33
N CYS C 131 10.68 -10.30 28.27
CA CYS C 131 9.41 -11.03 28.23
C CYS C 131 9.60 -12.34 28.97
N PRO C 132 8.53 -13.12 29.17
CA PRO C 132 8.64 -14.40 29.88
C PRO C 132 9.47 -15.49 29.16
N HIS C 133 9.79 -15.28 27.87
CA HIS C 133 10.72 -16.17 27.14
C HIS C 133 12.17 -15.69 27.30
N GLY C 134 12.38 -14.59 28.03
CA GLY C 134 13.73 -14.07 28.28
C GLY C 134 14.30 -13.26 27.11
N LEU C 135 13.43 -12.63 26.33
CA LEU C 135 13.89 -11.80 25.23
C LEU C 135 13.62 -10.33 25.54
N GLU C 136 14.50 -9.44 25.05
CA GLU C 136 14.53 -8.01 25.42
C GLU C 136 13.34 -7.22 24.97
N ILE C 137 12.91 -6.29 25.81
CA ILE C 137 11.81 -5.42 25.48
C ILE C 137 12.39 -4.05 25.17
N PRO C 138 12.25 -3.57 23.95
CA PRO C 138 12.72 -2.20 23.68
C PRO C 138 12.03 -1.15 24.58
N LEU C 139 12.64 0.03 24.74
CA LEU C 139 12.08 1.06 25.62
C LEU C 139 10.75 1.60 25.13
N LEU D 11 -17.41 -12.59 15.44
CA LEU D 11 -18.21 -11.42 14.99
C LEU D 11 -17.29 -10.27 14.66
N SER D 12 -17.41 -9.68 13.46
CA SER D 12 -16.65 -8.48 13.11
C SER D 12 -17.36 -7.22 13.60
N ARG D 13 -16.66 -6.08 13.61
CA ARG D 13 -17.29 -4.82 14.01
C ARG D 13 -18.25 -4.29 12.94
N ARG D 14 -17.96 -4.61 11.67
CA ARG D 14 -18.88 -4.25 10.60
C ARG D 14 -20.18 -5.04 10.72
N GLU D 15 -20.08 -6.35 10.92
CA GLU D 15 -21.27 -7.16 11.29
C GLU D 15 -22.02 -6.61 12.50
N PHE D 16 -21.28 -6.11 13.48
CA PHE D 16 -21.85 -5.54 14.70
C PHE D 16 -22.72 -4.31 14.42
N SER D 17 -22.26 -3.46 13.50
CA SER D 17 -23.08 -2.33 13.03
C SER D 17 -24.39 -2.86 12.47
N TYR D 18 -24.30 -3.83 11.56
CA TYR D 18 -25.51 -4.41 10.98
C TYR D 18 -26.47 -4.85 12.07
N LEU D 19 -25.99 -5.56 13.08
CA LEU D 19 -26.86 -6.09 14.14
C LEU D 19 -27.45 -5.00 15.04
N LEU D 20 -26.69 -3.92 15.29
CA LEU D 20 -27.21 -2.81 16.10
C LEU D 20 -28.30 -2.03 15.36
N THR D 21 -28.14 -1.90 14.03
CA THR D 21 -29.15 -1.25 13.20
C THR D 21 -30.42 -2.11 13.13
N ILE D 22 -30.24 -3.39 12.79
CA ILE D 22 -31.34 -4.35 12.74
C ILE D 22 -32.09 -4.46 14.08
N LYS D 23 -31.36 -4.46 15.20
CA LYS D 23 -31.99 -4.54 16.53
C LYS D 23 -32.85 -3.31 16.80
N ARG D 24 -32.38 -2.13 16.42
CA ARG D 24 -33.12 -0.88 16.64
C ARG D 24 -34.50 -0.93 15.99
N TYR D 25 -34.58 -1.44 14.77
CA TYR D 25 -35.87 -1.62 14.11
C TYR D 25 -36.69 -2.68 14.82
N ASN D 26 -36.06 -3.79 15.18
CA ASN D 26 -36.76 -4.86 15.90
C ASN D 26 -37.26 -4.38 17.27
N ASP D 27 -36.49 -3.52 17.93
CA ASP D 27 -36.86 -2.97 19.25
C ASP D 27 -38.12 -2.12 19.22
N SER D 28 -38.26 -1.27 18.20
CA SER D 28 -39.47 -0.47 18.02
C SER D 28 -40.66 -1.31 17.53
N GLY D 29 -40.37 -2.50 17.01
CA GLY D 29 -41.40 -3.47 16.66
C GLY D 29 -41.61 -3.57 15.16
N GLU D 30 -40.56 -3.96 14.43
CA GLU D 30 -40.62 -4.18 12.98
C GLU D 30 -39.33 -4.83 12.47
N GLY D 31 -39.44 -5.56 11.36
CA GLY D 31 -38.28 -6.11 10.66
C GLY D 31 -37.55 -5.05 9.84
N ALA D 32 -36.23 -5.06 9.90
CA ALA D 32 -35.45 -4.01 9.24
C ALA D 32 -35.43 -4.23 7.71
N LYS D 33 -35.74 -3.19 6.92
CA LYS D 33 -35.70 -3.31 5.46
C LYS D 33 -34.28 -3.20 4.92
N ILE D 34 -33.96 -4.01 3.91
CA ILE D 34 -32.63 -3.99 3.28
C ILE D 34 -32.22 -2.56 2.88
N ASN D 35 -33.19 -1.82 2.33
CA ASN D 35 -32.99 -0.44 1.84
C ASN D 35 -32.70 0.56 2.98
N ARG D 36 -33.43 0.43 4.08
CA ARG D 36 -33.27 1.27 5.29
C ARG D 36 -31.92 1.03 6.00
N ILE D 37 -31.51 -0.23 6.06
CA ILE D 37 -30.21 -0.61 6.61
C ILE D 37 -29.10 0.11 5.83
N ALA D 38 -29.20 0.09 4.51
CA ALA D 38 -28.22 0.74 3.63
C ALA D 38 -28.15 2.24 3.88
N LYS D 39 -29.32 2.87 3.92
CA LYS D 39 -29.47 4.30 4.21
C LYS D 39 -28.72 4.61 5.51
N ASP D 40 -29.13 3.96 6.59
CA ASP D 40 -28.59 4.24 7.93
C ASP D 40 -27.08 4.01 8.07
N LEU D 41 -26.59 2.92 7.48
CA LEU D 41 -25.16 2.57 7.52
C LEU D 41 -24.32 3.22 6.40
N LYS D 42 -24.96 3.88 5.43
CA LYS D 42 -24.25 4.45 4.28
C LYS D 42 -23.44 3.35 3.56
N ILE D 43 -24.15 2.28 3.18
CA ILE D 43 -23.58 1.15 2.44
C ILE D 43 -24.50 0.87 1.24
N ALA D 44 -23.94 0.45 0.11
CA ALA D 44 -24.74 0.17 -1.08
C ALA D 44 -25.75 -0.97 -0.79
N PRO D 45 -26.99 -0.89 -1.32
CA PRO D 45 -27.97 -1.95 -1.02
C PRO D 45 -27.52 -3.37 -1.38
N SER D 46 -26.81 -3.55 -2.49
CA SER D 46 -26.39 -4.89 -2.90
C SER D 46 -25.35 -5.50 -1.94
N SER D 47 -24.57 -4.65 -1.25
CA SER D 47 -23.68 -5.14 -0.17
C SER D 47 -24.48 -5.55 1.09
N VAL D 48 -25.49 -4.77 1.43
CA VAL D 48 -26.37 -5.06 2.57
C VAL D 48 -27.14 -6.39 2.35
N PHE D 49 -27.72 -6.56 1.17
CA PHE D 49 -28.40 -7.82 0.82
C PHE D 49 -27.47 -9.01 1.00
N GLU D 50 -26.29 -8.93 0.39
CA GLU D 50 -25.31 -10.01 0.44
C GLU D 50 -24.86 -10.32 1.88
N GLU D 51 -24.65 -9.26 2.67
CA GLU D 51 -24.20 -9.40 4.05
C GLU D 51 -25.30 -9.94 4.99
N VAL D 52 -26.55 -9.48 4.81
CA VAL D 52 -27.65 -10.02 5.60
C VAL D 52 -27.83 -11.54 5.38
N SER D 53 -27.69 -11.99 4.14
CA SER D 53 -27.85 -13.43 3.85
C SER D 53 -26.74 -14.26 4.50
N HIS D 54 -25.55 -13.69 4.67
CA HIS D 54 -24.52 -14.36 5.47
C HIS D 54 -24.70 -14.20 6.98
N LEU D 55 -25.30 -13.08 7.42
CA LEU D 55 -25.80 -12.99 8.80
C LEU D 55 -26.87 -14.06 9.05
N GLU D 56 -27.59 -14.46 8.00
CA GLU D 56 -28.57 -15.53 8.10
C GLU D 56 -27.89 -16.91 8.10
N GLU D 57 -26.88 -17.10 7.26
CA GLU D 57 -26.11 -18.35 7.25
C GLU D 57 -25.38 -18.59 8.57
N LYS D 58 -24.91 -17.52 9.21
CA LYS D 58 -24.32 -17.60 10.57
C LYS D 58 -25.41 -17.80 11.64
N GLY D 59 -26.68 -17.63 11.25
CA GLY D 59 -27.83 -17.85 12.13
C GLY D 59 -28.08 -16.74 13.14
N LEU D 60 -27.50 -15.57 12.88
CA LEU D 60 -27.62 -14.42 13.78
C LEU D 60 -28.84 -13.56 13.45
N VAL D 61 -29.39 -13.75 12.25
CA VAL D 61 -30.63 -13.12 11.83
C VAL D 61 -31.51 -14.11 11.07
N LYS D 62 -32.79 -13.81 11.01
CA LYS D 62 -33.76 -14.61 10.27
C LYS D 62 -34.59 -13.67 9.39
N LYS D 63 -34.61 -13.94 8.09
CA LYS D 63 -35.30 -13.09 7.12
C LYS D 63 -36.74 -13.57 6.94
N LYS D 64 -37.69 -12.63 6.82
CA LYS D 64 -39.15 -12.93 6.67
C LYS D 64 -39.79 -11.89 5.71
N GLU D 65 -41.12 -11.93 5.45
CA GLU D 65 -41.73 -10.93 4.50
C GLU D 65 -41.62 -9.48 4.99
N ASP D 66 -41.83 -9.24 6.28
CA ASP D 66 -41.81 -7.88 6.82
C ASP D 66 -40.38 -7.37 7.02
N GLY D 67 -39.42 -8.28 7.04
CA GLY D 67 -38.01 -7.89 7.00
C GLY D 67 -37.13 -8.76 7.88
N VAL D 68 -35.89 -8.32 8.05
CA VAL D 68 -34.90 -9.04 8.81
C VAL D 68 -35.10 -8.80 10.31
N TRP D 69 -34.91 -9.86 11.08
CA TRP D 69 -35.11 -9.82 12.52
C TRP D 69 -33.88 -10.40 13.17
N ILE D 70 -33.51 -9.85 14.34
CA ILE D 70 -32.31 -10.31 15.05
C ILE D 70 -32.75 -11.43 15.96
N THR D 71 -31.91 -12.46 16.09
CA THR D 71 -32.24 -13.63 16.91
C THR D 71 -31.69 -13.50 18.36
N ASN D 72 -32.00 -14.49 19.19
CA ASN D 72 -31.39 -14.63 20.53
C ASN D 72 -29.85 -14.64 20.40
N ASN D 73 -29.36 -15.43 19.45
CA ASN D 73 -27.93 -15.48 19.09
C ASN D 73 -27.36 -14.12 18.69
N GLY D 74 -28.16 -13.32 17.97
CA GLY D 74 -27.71 -12.01 17.49
C GLY D 74 -27.57 -11.00 18.60
N THR D 75 -28.56 -10.98 19.52
CA THR D 75 -28.50 -10.13 20.71
C THR D 75 -27.35 -10.58 21.60
N ARG D 76 -27.14 -11.90 21.68
CA ARG D 76 -25.99 -12.45 22.42
C ARG D 76 -24.65 -11.92 21.92
N SER D 77 -24.46 -11.93 20.60
CA SER D 77 -23.20 -11.50 20.02
C SER D 77 -22.98 -10.00 20.22
N ILE D 78 -24.07 -9.23 20.16
CA ILE D 78 -24.00 -7.83 20.54
C ILE D 78 -23.45 -7.67 21.97
N ASN D 79 -24.09 -8.32 22.93
CA ASN D 79 -23.73 -8.13 24.33
C ASN D 79 -22.31 -8.59 24.65
N TYR D 80 -21.87 -9.67 24.00
CA TYR D 80 -20.50 -10.10 24.13
C TYR D 80 -19.53 -8.99 23.66
N LEU D 81 -19.72 -8.48 22.45
CA LEU D 81 -18.77 -7.48 21.95
C LEU D 81 -18.79 -6.24 22.88
N ILE D 82 -19.98 -5.87 23.35
CA ILE D 82 -20.16 -4.79 24.34
C ILE D 82 -19.32 -5.03 25.60
N LYS D 83 -19.42 -6.22 26.16
CA LYS D 83 -18.65 -6.59 27.32
C LYS D 83 -17.16 -6.43 27.05
N ALA D 84 -16.70 -6.94 25.90
CA ALA D 84 -15.28 -6.86 25.53
C ALA D 84 -14.81 -5.42 25.46
N HIS D 85 -15.58 -4.60 24.75
CA HIS D 85 -15.30 -3.17 24.58
C HIS D 85 -15.14 -2.51 25.92
N ARG D 86 -16.12 -2.72 26.81
CA ARG D 86 -16.12 -2.04 28.13
C ARG D 86 -15.11 -2.60 29.12
N VAL D 87 -14.85 -3.90 29.05
CA VAL D 87 -13.78 -4.45 29.90
C VAL D 87 -12.42 -3.87 29.47
N ILE D 88 -12.21 -3.71 28.16
CA ILE D 88 -10.94 -3.19 27.68
C ILE D 88 -10.77 -1.74 28.09
N GLU D 89 -11.87 -0.97 28.06
CA GLU D 89 -11.83 0.44 28.42
C GLU D 89 -11.39 0.67 29.83
N ILE D 90 -11.83 -0.20 30.74
CA ILE D 90 -11.43 -0.07 32.15
C ILE D 90 -9.92 -0.27 32.27
N LEU D 91 -9.39 -1.30 31.60
CA LEU D 91 -7.94 -1.54 31.60
C LEU D 91 -7.21 -0.31 31.11
N LEU D 92 -7.74 0.30 30.06
CA LEU D 92 -7.05 1.42 29.39
C LEU D 92 -7.11 2.63 30.29
N VAL D 93 -8.26 2.90 30.91
CA VAL D 93 -8.33 3.99 31.85
C VAL D 93 -7.45 3.68 33.05
N ASN D 94 -7.31 2.40 33.42
CA ASN D 94 -6.48 2.06 34.58
C ASN D 94 -5.01 2.34 34.35
N ILE D 95 -4.58 2.26 33.09
CA ILE D 95 -3.19 2.51 32.79
C ILE D 95 -2.89 3.98 32.47
N GLY D 96 -3.90 4.86 32.53
CA GLY D 96 -3.69 6.32 32.36
C GLY D 96 -4.20 6.93 31.05
N ILE D 97 -4.95 6.17 30.26
CA ILE D 97 -5.48 6.69 29.02
C ILE D 97 -6.80 7.43 29.26
N ASP D 98 -6.93 8.64 28.71
CA ASP D 98 -8.19 9.36 28.75
C ASP D 98 -9.33 8.42 28.35
N LYS D 99 -10.48 8.51 29.01
CA LYS D 99 -11.60 7.60 28.73
C LYS D 99 -12.29 7.78 27.37
N GLN D 100 -12.22 8.99 26.81
CA GLN D 100 -12.73 9.24 25.48
C GLN D 100 -11.78 8.59 24.47
N THR D 101 -10.49 8.70 24.75
CA THR D 101 -9.48 8.09 23.91
C THR D 101 -9.54 6.58 24.06
N ALA D 102 -9.76 6.12 25.27
CA ALA D 102 -9.89 4.69 25.57
C ALA D 102 -11.06 4.05 24.81
N CYS D 103 -12.18 4.75 24.69
CA CYS D 103 -13.35 4.23 23.94
C CYS D 103 -13.01 4.02 22.46
N GLU D 104 -12.59 5.11 21.82
CA GLU D 104 -12.13 5.05 20.44
C GLU D 104 -10.97 4.03 20.24
N TYR D 105 -9.97 4.01 21.11
CA TYR D 105 -8.87 3.02 20.93
C TYR D 105 -9.41 1.59 21.03
N SER D 106 -10.21 1.33 22.05
CA SER D 106 -10.79 0.02 22.25
C SER D 106 -11.48 -0.55 20.99
N LYS D 107 -12.16 0.30 20.22
CA LYS D 107 -12.87 -0.16 19.02
C LYS D 107 -11.94 -0.68 17.91
N GLN D 108 -10.69 -0.26 17.93
CA GLN D 108 -9.72 -0.73 16.94
C GLN D 108 -9.38 -2.22 17.08
N PHE D 109 -9.53 -2.81 18.27
CA PHE D 109 -9.16 -4.23 18.46
C PHE D 109 -10.00 -5.07 19.45
N ASP D 110 -11.01 -4.48 20.07
CA ASP D 110 -11.76 -5.21 21.09
C ASP D 110 -12.38 -6.50 20.58
N TYR D 111 -12.81 -6.48 19.32
CA TYR D 111 -13.48 -7.60 18.66
C TYR D 111 -12.52 -8.72 18.26
N LEU D 112 -11.22 -8.43 18.23
CA LEU D 112 -10.21 -9.39 17.75
C LEU D 112 -9.48 -10.07 18.89
N ILE D 113 -9.85 -9.74 20.12
CA ILE D 113 -9.18 -10.27 21.28
C ILE D 113 -9.82 -11.59 21.67
N PRO D 114 -9.00 -12.65 21.80
CA PRO D 114 -9.58 -13.93 22.21
C PRO D 114 -10.37 -13.88 23.51
N GLU D 115 -11.48 -14.62 23.52
CA GLU D 115 -12.44 -14.69 24.62
C GLU D 115 -11.75 -14.86 25.97
N GLU D 116 -10.79 -15.78 26.01
CA GLU D 116 -10.16 -16.13 27.27
C GLU D 116 -9.49 -14.95 27.94
N ILE D 117 -9.00 -13.99 27.15
CA ILE D 117 -8.36 -12.80 27.70
C ILE D 117 -9.37 -11.87 28.31
N ILE D 118 -10.48 -11.65 27.61
CA ILE D 118 -11.54 -10.82 28.15
C ILE D 118 -12.00 -11.38 29.52
N ASP D 119 -12.22 -12.68 29.62
CA ASP D 119 -12.64 -13.29 30.92
C ASP D 119 -11.63 -13.11 32.03
N LYS D 120 -10.36 -13.35 31.70
CA LYS D 120 -9.30 -13.23 32.71
C LYS D 120 -9.11 -11.77 33.11
N LEU D 121 -9.40 -10.87 32.17
CA LEU D 121 -9.31 -9.42 32.43
C LEU D 121 -10.44 -8.99 33.34
N TYR D 122 -11.65 -9.48 33.05
CA TYR D 122 -12.84 -9.18 33.85
C TYR D 122 -12.62 -9.58 35.30
N ASN D 123 -12.15 -10.80 35.53
CA ASN D 123 -11.76 -11.24 36.88
C ASN D 123 -10.68 -10.35 37.49
N TYR D 124 -9.64 -10.13 36.70
CA TYR D 124 -8.54 -9.32 37.15
C TYR D 124 -8.97 -7.90 37.53
N LEU D 125 -9.96 -7.37 36.82
CA LEU D 125 -10.42 -6.00 37.09
C LEU D 125 -11.43 -5.90 38.23
N GLY D 126 -11.89 -7.04 38.75
CA GLY D 126 -12.82 -7.04 39.88
C GLY D 126 -14.25 -7.33 39.47
N LYS D 127 -14.42 -7.88 38.27
CA LYS D 127 -15.75 -8.12 37.75
C LYS D 127 -16.55 -6.82 37.81
N PRO D 128 -16.04 -5.77 37.16
CA PRO D 128 -16.66 -4.46 37.23
C PRO D 128 -18.05 -4.52 36.62
N SER D 129 -18.94 -3.66 37.10
CA SER D 129 -20.32 -3.60 36.59
C SER D 129 -20.59 -2.40 35.67
N TYR D 130 -19.61 -1.49 35.52
CA TYR D 130 -19.73 -0.31 34.67
C TYR D 130 -18.41 -0.02 33.96
N CYS D 131 -18.49 0.36 32.67
CA CYS D 131 -17.38 0.98 31.99
C CYS D 131 -17.13 2.36 32.61
N PRO D 132 -15.97 2.98 32.31
CA PRO D 132 -15.68 4.33 32.81
C PRO D 132 -16.75 5.39 32.49
N HIS D 133 -17.58 5.18 31.46
CA HIS D 133 -18.68 6.10 31.17
C HIS D 133 -19.99 5.80 31.88
N GLY D 134 -20.02 4.83 32.80
CA GLY D 134 -21.28 4.45 33.48
C GLY D 134 -22.20 3.44 32.78
N LEU D 135 -21.84 3.00 31.57
CA LEU D 135 -22.67 1.99 30.89
C LEU D 135 -22.42 0.63 31.53
N GLU D 136 -23.50 -0.13 31.73
CA GLU D 136 -23.46 -1.37 32.49
C GLU D 136 -22.72 -2.43 31.66
N ILE D 137 -22.06 -3.40 32.31
CA ILE D 137 -21.28 -4.44 31.62
C ILE D 137 -21.95 -5.82 31.71
N PRO D 138 -22.51 -6.32 30.60
CA PRO D 138 -23.24 -7.61 30.60
C PRO D 138 -22.52 -8.77 31.30
N LEU D 139 -23.23 -9.52 32.13
CA LEU D 139 -22.64 -10.64 32.90
C LEU D 139 -22.33 -11.84 31.99
#